data_3APX
#
_entry.id   3APX
#
_cell.length_a   42.125
_cell.length_b   63.077
_cell.length_c   64.957
_cell.angle_alpha   90.00
_cell.angle_beta   90.00
_cell.angle_gamma   90.00
#
_symmetry.space_group_name_H-M   'P 21 21 21'
#
loop_
_entity.id
_entity.type
_entity.pdbx_description
1 polymer 'Alpha-1-acid glycoprotein 2'
2 non-polymer 3-(2-chloro-10H-phenothiazin-10-yl)-N,N-dimethylpropan-1-amine
3 non-polymer 'ACETIC ACID'
4 water water
#
_entity_poly.entity_id   1
_entity_poly.type   'polypeptide(L)'
_entity_poly.pdbx_seq_one_letter_code
;MQIPLCANLVPVPITNATLDRITGKWFYIASAFRNEEYNKSVQEIQATFFYFTPNKTEDTIFLREYQTRQNQCFYNSSYL
NVQRENGTVSRYEGGREHVAHLLFLRDTKTLMFGSYLDDEKNWGLSFYADKPETTKEQLGEFYEALDCLRIPRSDVMYTD
WKKDKCEPLEKQHEKERKQEEGESHHHHHH
;
_entity_poly.pdbx_strand_id   A
#
# COMPACT_ATOMS: atom_id res chain seq x y z
N MET A 1 20.15 11.42 -9.17
CA MET A 1 19.37 10.21 -8.78
C MET A 1 19.85 8.99 -9.58
N GLN A 2 20.21 7.94 -8.86
CA GLN A 2 20.83 6.76 -9.45
C GLN A 2 19.81 5.85 -10.15
N ILE A 3 20.02 5.68 -11.45
CA ILE A 3 19.14 4.85 -12.28
C ILE A 3 19.97 3.79 -13.01
N PRO A 4 19.43 2.56 -13.23
CA PRO A 4 18.08 2.06 -12.94
C PRO A 4 17.71 1.88 -11.47
N LEU A 5 18.68 1.87 -10.56
CA LEU A 5 18.41 1.60 -9.14
C LEU A 5 17.13 2.27 -8.59
N CYS A 6 16.99 3.57 -8.83
CA CYS A 6 15.89 4.35 -8.27
C CYS A 6 14.77 4.66 -9.26
N ALA A 7 14.80 4.03 -10.43
CA ALA A 7 13.76 4.25 -11.48
C ALA A 7 12.32 4.25 -10.94
N ASN A 8 12.00 3.27 -10.08
CA ASN A 8 10.62 3.09 -9.59
C ASN A 8 10.23 3.99 -8.42
N LEU A 9 11.19 4.73 -7.87
CA LEU A 9 10.91 5.70 -6.80
C LEU A 9 10.51 7.05 -7.36
N VAL A 10 10.47 7.16 -8.69
CA VAL A 10 10.23 8.46 -9.32
C VAL A 10 8.75 8.67 -9.58
N PRO A 11 8.17 9.70 -8.93
CA PRO A 11 6.75 10.05 -9.10
C PRO A 11 6.43 10.49 -10.51
N VAL A 12 5.22 10.15 -10.98
CA VAL A 12 4.68 10.71 -12.25
C VAL A 12 3.21 11.08 -12.03
N PRO A 13 2.70 12.06 -12.81
CA PRO A 13 1.29 12.41 -12.62
C PRO A 13 0.32 11.23 -12.80
N ILE A 14 -0.75 11.22 -12.00
CA ILE A 14 -1.70 10.13 -12.01
C ILE A 14 -2.74 10.30 -13.12
N THR A 15 -2.78 9.35 -14.03
CA THR A 15 -3.75 9.32 -15.12
C THR A 15 -4.92 8.40 -14.80
N ASN A 16 -5.95 8.45 -15.63
CA ASN A 16 -7.08 7.53 -15.53
C ASN A 16 -6.72 6.08 -15.77
N ALA A 17 -5.79 5.84 -16.71
CA ALA A 17 -5.25 4.48 -16.94
C ALA A 17 -4.59 3.95 -15.65
N THR A 18 -3.81 4.80 -14.99
CA THR A 18 -3.24 4.47 -13.69
C THR A 18 -4.30 4.20 -12.61
N LEU A 19 -5.39 4.96 -12.63
CA LEU A 19 -6.48 4.73 -11.68
C LEU A 19 -7.17 3.38 -11.94
N ASP A 20 -7.40 3.07 -13.21
CA ASP A 20 -7.92 1.76 -13.61
C ASP A 20 -6.99 0.65 -13.14
N ARG A 21 -5.68 0.87 -13.31
CA ARG A 21 -4.66 -0.11 -12.97
C ARG A 21 -4.73 -0.53 -11.48
N ILE A 22 -5.08 0.41 -10.60
CA ILE A 22 -5.06 0.16 -9.15
C ILE A 22 -6.43 -0.24 -8.61
N THR A 23 -7.42 -0.28 -9.49
CA THR A 23 -8.78 -0.67 -9.15
C THR A 23 -8.83 -2.17 -8.86
N GLY A 24 -9.51 -2.52 -7.77
CA GLY A 24 -9.71 -3.92 -7.39
C GLY A 24 -9.20 -4.23 -5.99
N LYS A 25 -8.91 -5.50 -5.75
CA LYS A 25 -8.50 -5.96 -4.43
C LYS A 25 -6.99 -6.10 -4.33
N TRP A 26 -6.42 -5.60 -3.24
CA TRP A 26 -4.97 -5.66 -3.00
C TRP A 26 -4.65 -6.29 -1.64
N PHE A 27 -3.52 -6.99 -1.55
CA PHE A 27 -3.06 -7.55 -0.27
C PHE A 27 -1.77 -6.87 0.14
N TYR A 28 -1.70 -6.45 1.41
CA TYR A 28 -0.48 -5.83 1.94
C TYR A 28 0.53 -6.94 2.27
N ILE A 29 1.72 -6.83 1.67
CA ILE A 29 2.73 -7.89 1.72
C ILE A 29 3.89 -7.60 2.69
N ALA A 30 4.48 -6.42 2.57
CA ALA A 30 5.70 -6.06 3.28
C ALA A 30 5.87 -4.55 3.32
N SER A 31 6.62 -4.08 4.31
CA SER A 31 6.99 -2.66 4.42
C SER A 31 8.27 -2.46 5.24
N ALA A 32 8.90 -1.31 5.02
CA ALA A 32 10.05 -0.88 5.80
C ALA A 32 10.14 0.64 5.77
N PHE A 33 10.54 1.20 6.92
CA PHE A 33 10.56 2.64 7.15
C PHE A 33 11.73 3.01 8.05
N ARG A 34 12.24 4.22 7.86
CA ARG A 34 13.21 4.81 8.75
C ARG A 34 12.51 5.58 9.87
N ASN A 35 11.24 5.95 9.63
CA ASN A 35 10.37 6.51 10.64
C ASN A 35 10.11 5.49 11.76
N GLU A 36 10.47 5.85 12.99
CA GLU A 36 10.38 4.90 14.12
C GLU A 36 8.96 4.61 14.58
N GLU A 37 8.08 5.61 14.47
CA GLU A 37 6.66 5.43 14.78
C GLU A 37 6.00 4.34 13.92
N TYR A 38 6.25 4.40 12.60
CA TYR A 38 5.70 3.41 11.69
C TYR A 38 6.34 2.04 11.87
N ASN A 39 7.59 2.01 12.32
CA ASN A 39 8.28 0.75 12.62
C ASN A 39 7.65 -0.06 13.76
N LYS A 40 7.21 0.61 14.81
CA LYS A 40 6.56 -0.06 15.94
C LYS A 40 5.05 -0.31 15.71
N SER A 41 4.42 0.51 14.88
CA SER A 41 2.99 0.38 14.65
C SER A 41 2.65 -0.61 13.54
N VAL A 42 3.43 -0.59 12.46
CA VAL A 42 3.19 -1.50 11.32
C VAL A 42 3.56 -2.93 11.73
N GLN A 43 4.48 -3.03 12.69
CA GLN A 43 4.90 -4.29 13.30
C GLN A 43 3.72 -5.10 13.85
N GLU A 44 2.64 -4.41 14.24
CA GLU A 44 1.46 -5.07 14.79
C GLU A 44 0.48 -5.61 13.73
N ILE A 45 0.70 -5.26 12.46
CA ILE A 45 -0.22 -5.69 11.40
C ILE A 45 0.15 -7.10 10.93
N GLN A 46 -0.78 -8.03 11.12
CA GLN A 46 -0.58 -9.43 10.76
C GLN A 46 -1.00 -9.70 9.32
N ALA A 47 -2.02 -8.97 8.87
CA ALA A 47 -2.47 -8.99 7.48
C ALA A 47 -3.30 -7.75 7.18
N THR A 48 -3.53 -7.51 5.89
CA THR A 48 -4.49 -6.49 5.41
C THR A 48 -4.77 -6.73 3.94
N PHE A 49 -6.05 -6.70 3.58
CA PHE A 49 -6.44 -6.62 2.17
C PHE A 49 -7.48 -5.52 2.05
N PHE A 50 -7.48 -4.85 0.90
CA PHE A 50 -8.37 -3.70 0.70
C PHE A 50 -8.86 -3.57 -0.72
N TYR A 51 -9.93 -2.81 -0.89
CA TYR A 51 -10.52 -2.56 -2.19
C TYR A 51 -10.36 -1.08 -2.57
N PHE A 52 -9.93 -0.84 -3.80
CA PHE A 52 -9.89 0.51 -4.38
C PHE A 52 -10.98 0.69 -5.44
N THR A 53 -11.90 1.61 -5.23
CA THR A 53 -12.80 2.06 -6.31
C THR A 53 -12.56 3.55 -6.56
N PRO A 54 -11.67 3.87 -7.51
CA PRO A 54 -11.39 5.26 -7.84
C PRO A 54 -12.57 5.92 -8.53
N ASN A 55 -12.75 7.20 -8.24
CA ASN A 55 -13.71 8.00 -8.97
C ASN A 55 -12.92 8.99 -9.82
N LYS A 56 -12.92 8.72 -11.12
CA LYS A 56 -12.05 9.46 -12.04
C LYS A 56 -12.53 10.87 -12.32
N THR A 57 -13.81 11.13 -12.02
CA THR A 57 -14.41 12.43 -12.27
C THR A 57 -14.23 13.35 -11.05
N GLU A 58 -13.89 12.76 -9.91
CA GLU A 58 -13.81 13.52 -8.66
C GLU A 58 -12.43 13.50 -8.05
N ASP A 59 -11.52 12.69 -8.61
CA ASP A 59 -10.16 12.54 -8.08
C ASP A 59 -10.22 11.99 -6.65
N THR A 60 -11.04 10.97 -6.46
CA THR A 60 -11.15 10.26 -5.18
C THR A 60 -10.98 8.78 -5.40
N ILE A 61 -10.64 8.06 -4.33
CA ILE A 61 -10.69 6.61 -4.36
C ILE A 61 -11.48 6.17 -3.13
N PHE A 62 -12.49 5.32 -3.35
CA PHE A 62 -13.19 4.71 -2.24
C PHE A 62 -12.42 3.49 -1.76
N LEU A 63 -12.03 3.53 -0.49
CA LEU A 63 -11.26 2.46 0.12
C LEU A 63 -12.15 1.65 1.06
N ARG A 64 -12.08 0.33 0.95
CA ARG A 64 -12.65 -0.58 1.94
C ARG A 64 -11.52 -1.46 2.45
N GLU A 65 -11.04 -1.17 3.65
CA GLU A 65 -9.87 -1.83 4.24
C GLU A 65 -10.25 -2.88 5.28
N TYR A 66 -9.56 -4.02 5.23
CA TYR A 66 -9.77 -5.15 6.13
C TYR A 66 -8.46 -5.48 6.80
N GLN A 67 -8.22 -4.87 7.95
CA GLN A 67 -6.94 -5.01 8.63
C GLN A 67 -6.97 -6.02 9.76
N THR A 68 -6.00 -6.93 9.78
CA THR A 68 -5.84 -7.86 10.90
C THR A 68 -4.75 -7.38 11.86
N ARG A 69 -5.17 -7.10 13.08
CA ARG A 69 -4.31 -6.58 14.13
C ARG A 69 -4.91 -7.02 15.45
N GLN A 70 -4.05 -7.33 16.44
CA GLN A 70 -4.50 -7.74 17.77
C GLN A 70 -5.49 -8.91 17.71
N ASN A 71 -5.14 -9.92 16.90
CA ASN A 71 -5.94 -11.13 16.75
C ASN A 71 -7.40 -10.88 16.31
N GLN A 72 -7.65 -9.74 15.67
CA GLN A 72 -9.01 -9.37 15.24
C GLN A 72 -9.06 -8.62 13.92
N CYS A 73 -10.27 -8.49 13.37
CA CYS A 73 -10.48 -7.75 12.14
C CYS A 73 -10.92 -6.33 12.44
N PHE A 74 -10.29 -5.38 11.76
CA PHE A 74 -10.69 -3.98 11.83
C PHE A 74 -11.08 -3.50 10.43
N TYR A 75 -12.36 -3.22 10.27
CA TYR A 75 -12.90 -2.76 9.00
C TYR A 75 -13.14 -1.27 9.00
N ASN A 76 -12.63 -0.59 7.97
CA ASN A 76 -12.88 0.83 7.78
C ASN A 76 -12.99 1.15 6.30
N SER A 77 -13.91 2.05 5.99
CA SER A 77 -14.03 2.62 4.66
C SER A 77 -13.92 4.14 4.71
N SER A 78 -13.35 4.72 3.66
CA SER A 78 -13.20 6.16 3.54
C SER A 78 -12.97 6.56 2.08
N TYR A 79 -13.03 7.86 1.82
CA TYR A 79 -12.72 8.42 0.52
C TYR A 79 -11.34 9.04 0.55
N LEU A 80 -10.43 8.46 -0.22
CA LEU A 80 -9.10 9.04 -0.39
C LEU A 80 -9.20 10.14 -1.42
N ASN A 81 -8.33 11.14 -1.27
CA ASN A 81 -8.16 12.17 -2.27
C ASN A 81 -6.91 11.91 -3.09
N VAL A 82 -7.00 12.17 -4.40
CA VAL A 82 -5.90 12.01 -5.33
C VAL A 82 -5.34 13.37 -5.72
N GLN A 83 -4.03 13.53 -5.60
CA GLN A 83 -3.33 14.73 -6.07
C GLN A 83 -2.59 14.35 -7.33
N ARG A 84 -3.25 14.50 -8.47
CA ARG A 84 -2.76 13.96 -9.75
C ARG A 84 -1.35 14.41 -10.13
N GLU A 85 -1.09 15.71 -10.04
CA GLU A 85 0.18 16.31 -10.42
C GLU A 85 1.37 15.73 -9.65
N ASN A 86 1.17 15.54 -8.35
CA ASN A 86 2.25 15.10 -7.46
C ASN A 86 2.36 13.58 -7.39
N GLY A 87 1.47 12.90 -8.10
CA GLY A 87 1.39 11.44 -8.07
C GLY A 87 1.20 10.93 -6.66
N THR A 88 0.32 11.57 -5.90
CA THR A 88 0.05 11.15 -4.51
C THR A 88 -1.42 10.90 -4.22
N VAL A 89 -1.61 10.21 -3.08
CA VAL A 89 -2.90 9.87 -2.53
C VAL A 89 -2.88 10.29 -1.04
N SER A 90 -4.04 10.71 -0.53
CA SER A 90 -4.15 11.12 0.86
C SER A 90 -5.42 10.60 1.54
N ARG A 91 -5.33 10.36 2.85
CA ARG A 91 -6.46 9.90 3.66
C ARG A 91 -6.33 10.41 5.08
N TYR A 92 -7.44 10.40 5.81
CA TYR A 92 -7.44 10.76 7.21
C TYR A 92 -7.24 9.53 8.09
N GLU A 93 -6.14 9.51 8.83
CA GLU A 93 -5.88 8.55 9.89
C GLU A 93 -5.74 9.38 11.15
N GLY A 94 -6.33 8.90 12.24
CA GLY A 94 -6.24 9.57 13.54
C GLY A 94 -6.32 11.08 13.48
N GLY A 95 -7.35 11.60 12.83
CA GLY A 95 -7.59 13.05 12.74
C GLY A 95 -6.87 13.83 11.66
N ARG A 96 -5.63 13.43 11.35
CA ARG A 96 -4.78 14.15 10.39
C ARG A 96 -4.81 13.53 8.98
N GLU A 97 -4.72 14.39 7.97
CA GLU A 97 -4.51 13.93 6.60
C GLU A 97 -3.08 13.45 6.45
N HIS A 98 -2.92 12.24 5.95
CA HIS A 98 -1.61 11.65 5.67
C HIS A 98 -1.47 11.42 4.17
N VAL A 99 -0.28 11.70 3.63
CA VAL A 99 -0.01 11.55 2.19
C VAL A 99 0.94 10.38 1.88
N ALA A 100 0.67 9.70 0.76
CA ALA A 100 1.55 8.66 0.23
C ALA A 100 1.73 8.80 -1.28
N HIS A 101 2.97 8.67 -1.75
CA HIS A 101 3.25 8.57 -3.17
C HIS A 101 2.86 7.20 -3.72
N LEU A 102 2.02 7.23 -4.75
CA LEU A 102 1.62 6.03 -5.46
C LEU A 102 2.74 5.64 -6.42
N LEU A 103 3.32 4.46 -6.21
CA LEU A 103 4.46 3.99 -7.01
C LEU A 103 4.25 2.56 -7.52
N PHE A 104 5.05 2.18 -8.51
CA PHE A 104 4.88 0.93 -9.24
C PHE A 104 6.19 0.19 -9.48
N LEU A 105 6.07 -1.03 -9.98
CA LEU A 105 7.20 -1.89 -10.32
C LEU A 105 6.94 -2.49 -11.70
N ARG A 106 7.89 -3.28 -12.20
CA ARG A 106 7.72 -3.96 -13.49
C ARG A 106 6.42 -4.76 -13.54
N ASP A 107 6.17 -5.57 -12.51
CA ASP A 107 4.94 -6.35 -12.46
C ASP A 107 3.74 -5.48 -12.15
N THR A 108 2.76 -5.50 -13.05
CA THR A 108 1.51 -4.74 -12.90
C THR A 108 0.54 -5.32 -11.86
N LYS A 109 0.83 -6.53 -11.38
CA LYS A 109 0.05 -7.12 -10.29
C LYS A 109 0.57 -6.67 -8.92
N THR A 110 1.39 -5.62 -8.91
CA THR A 110 1.91 -5.07 -7.66
C THR A 110 1.84 -3.54 -7.65
N LEU A 111 1.95 -2.96 -6.47
CA LEU A 111 2.11 -1.51 -6.32
C LEU A 111 2.76 -1.18 -4.99
N MET A 112 3.28 0.03 -4.87
CA MET A 112 3.90 0.52 -3.64
C MET A 112 3.29 1.85 -3.22
N PHE A 113 3.27 2.08 -1.90
CA PHE A 113 3.04 3.42 -1.37
C PHE A 113 4.33 3.91 -0.71
N GLY A 114 4.73 5.12 -1.07
CA GLY A 114 5.92 5.71 -0.49
C GLY A 114 5.55 6.71 0.58
N SER A 115 6.19 6.57 1.74
CA SER A 115 5.95 7.47 2.87
C SER A 115 7.18 8.31 3.14
N TYR A 116 6.95 9.61 3.36
CA TYR A 116 8.00 10.60 3.67
C TYR A 116 9.22 10.52 2.74
N LEU A 117 8.96 10.36 1.44
CA LEU A 117 10.01 10.17 0.44
C LEU A 117 10.94 11.37 0.25
N ASP A 118 10.53 12.53 0.75
CA ASP A 118 11.37 13.73 0.70
C ASP A 118 12.41 13.74 1.81
N ASP A 119 12.19 12.92 2.83
CA ASP A 119 13.00 12.94 4.04
C ASP A 119 13.74 11.62 4.26
N GLU A 120 15.06 11.65 4.07
CA GLU A 120 15.90 10.47 4.22
C GLU A 120 15.98 9.96 5.66
N LYS A 121 15.60 10.77 6.62
CA LYS A 121 15.56 10.33 8.01
C LYS A 121 14.29 9.52 8.32
N ASN A 122 13.26 9.67 7.49
CA ASN A 122 11.98 9.03 7.79
C ASN A 122 11.35 8.18 6.69
N TRP A 123 11.96 8.14 5.51
CA TRP A 123 11.31 7.50 4.35
C TRP A 123 11.05 6.00 4.49
N GLY A 124 10.05 5.52 3.75
CA GLY A 124 9.74 4.10 3.72
C GLY A 124 8.83 3.71 2.57
N LEU A 125 8.67 2.40 2.39
CA LEU A 125 7.85 1.84 1.32
C LEU A 125 7.01 0.70 1.84
N SER A 126 5.75 0.67 1.39
CA SER A 126 4.88 -0.46 1.63
C SER A 126 4.56 -1.14 0.29
N PHE A 127 4.49 -2.46 0.32
CA PHE A 127 4.47 -3.32 -0.87
C PHE A 127 3.18 -4.14 -0.91
N TYR A 128 2.46 -4.03 -2.03
CA TYR A 128 1.13 -4.64 -2.18
C TYR A 128 1.02 -5.47 -3.46
N ALA A 129 0.19 -6.50 -3.45
CA ALA A 129 0.02 -7.38 -4.61
C ALA A 129 -1.40 -7.89 -4.70
N ASP A 130 -1.77 -8.46 -5.85
CA ASP A 130 -3.13 -8.96 -6.05
C ASP A 130 -3.39 -10.31 -5.37
N LYS A 131 -2.32 -10.92 -4.86
CA LYS A 131 -2.37 -12.17 -4.07
C LYS A 131 -1.61 -11.94 -2.78
N PRO A 132 -1.93 -12.71 -1.69
CA PRO A 132 -1.21 -12.54 -0.42
C PRO A 132 0.21 -13.14 -0.45
N GLU A 133 0.52 -13.92 -1.47
CA GLU A 133 1.86 -14.49 -1.64
C GLU A 133 2.49 -13.92 -2.92
N THR A 134 3.77 -13.54 -2.84
CA THR A 134 4.48 -13.00 -4.01
C THR A 134 5.62 -13.89 -4.48
N THR A 135 6.01 -13.72 -5.73
CA THR A 135 7.12 -14.48 -6.32
C THR A 135 8.43 -13.77 -6.05
N LYS A 136 9.53 -14.51 -6.24
CA LYS A 136 10.86 -13.93 -6.11
C LYS A 136 11.10 -12.81 -7.14
N GLU A 137 10.51 -12.97 -8.32
CA GLU A 137 10.52 -11.94 -9.36
C GLU A 137 9.94 -10.65 -8.82
N GLN A 138 8.75 -10.73 -8.23
CA GLN A 138 8.03 -9.58 -7.67
C GLN A 138 8.76 -8.95 -6.47
N LEU A 139 9.20 -9.81 -5.55
CA LEU A 139 9.98 -9.42 -4.38
C LEU A 139 11.27 -8.68 -4.74
N GLY A 140 11.98 -9.20 -5.72
CA GLY A 140 13.23 -8.62 -6.19
C GLY A 140 13.10 -7.14 -6.52
N GLU A 141 11.99 -6.79 -7.16
CA GLU A 141 11.68 -5.43 -7.58
C GLU A 141 11.48 -4.51 -6.36
N PHE A 142 10.79 -5.04 -5.34
CA PHE A 142 10.57 -4.31 -4.09
C PHE A 142 11.87 -4.14 -3.29
N TYR A 143 12.61 -5.24 -3.12
CA TYR A 143 13.93 -5.20 -2.49
C TYR A 143 14.88 -4.21 -3.17
N GLU A 144 14.85 -4.15 -4.50
CA GLU A 144 15.60 -3.12 -5.24
C GLU A 144 15.20 -1.70 -4.82
N ALA A 145 13.89 -1.46 -4.67
CA ALA A 145 13.39 -0.14 -4.30
C ALA A 145 13.89 0.25 -2.92
N LEU A 146 14.00 -0.76 -2.04
CA LEU A 146 14.59 -0.59 -0.71
C LEU A 146 16.08 -0.28 -0.79
N ASP A 147 16.77 -0.93 -1.73
CA ASP A 147 18.17 -0.60 -1.98
C ASP A 147 18.34 0.88 -2.37
N CYS A 148 17.44 1.38 -3.20
CA CYS A 148 17.48 2.78 -3.62
C CYS A 148 17.49 3.68 -2.38
N LEU A 149 16.62 3.37 -1.42
CA LEU A 149 16.47 4.16 -0.20
C LEU A 149 17.50 3.78 0.88
N ARG A 150 18.38 2.85 0.55
CA ARG A 150 19.40 2.34 1.46
C ARG A 150 18.77 1.84 2.77
N ILE A 151 17.72 1.03 2.63
CA ILE A 151 17.06 0.39 3.77
C ILE A 151 17.34 -1.10 3.70
N PRO A 152 18.01 -1.65 4.75
CA PRO A 152 18.31 -3.08 4.84
C PRO A 152 17.09 -3.95 4.71
N ARG A 153 17.21 -5.02 3.93
CA ARG A 153 16.16 -6.03 3.78
C ARG A 153 15.76 -6.61 5.14
N SER A 154 16.72 -6.65 6.06
CA SER A 154 16.50 -7.15 7.43
C SER A 154 15.47 -6.31 8.21
N ASP A 155 15.28 -5.06 7.80
CA ASP A 155 14.29 -4.17 8.44
C ASP A 155 12.85 -4.36 7.96
N VAL A 156 12.62 -5.26 7.01
CA VAL A 156 11.29 -5.49 6.48
C VAL A 156 10.36 -6.20 7.47
N MET A 157 9.14 -5.69 7.59
CA MET A 157 8.06 -6.35 8.32
C MET A 157 7.13 -7.00 7.30
N TYR A 158 6.81 -8.27 7.53
CA TYR A 158 6.02 -9.08 6.60
C TYR A 158 4.67 -9.46 7.18
N THR A 159 3.66 -9.56 6.31
CA THR A 159 2.38 -10.12 6.73
C THR A 159 2.44 -11.65 6.70
N ASP A 160 1.47 -12.28 7.33
CA ASP A 160 1.32 -13.73 7.33
C ASP A 160 -0.15 -14.00 7.09
N TRP A 161 -0.48 -14.39 5.85
CA TRP A 161 -1.87 -14.56 5.44
C TRP A 161 -2.67 -15.50 6.34
N LYS A 162 -2.02 -16.53 6.89
CA LYS A 162 -2.69 -17.51 7.75
C LYS A 162 -3.26 -16.89 9.02
N LYS A 163 -2.73 -15.71 9.38
CA LYS A 163 -3.14 -14.99 10.58
C LYS A 163 -4.30 -14.01 10.35
N ASP A 164 -4.76 -13.93 9.10
CA ASP A 164 -5.86 -13.01 8.74
C ASP A 164 -7.12 -13.35 9.52
N LYS A 165 -7.82 -12.30 9.95
CA LYS A 165 -9.07 -12.46 10.69
C LYS A 165 -10.26 -11.84 9.94
N CYS A 166 -10.00 -11.23 8.80
CA CYS A 166 -10.98 -10.42 8.08
C CYS A 166 -11.79 -11.14 6.99
N GLU A 167 -11.25 -12.24 6.47
CA GLU A 167 -11.91 -13.04 5.43
C GLU A 167 -13.40 -13.34 5.75
N PRO A 168 -13.70 -13.84 6.98
CA PRO A 168 -15.11 -14.08 7.32
C PRO A 168 -16.00 -12.84 7.26
N LEU A 169 -15.46 -11.65 7.60
CA LEU A 169 -16.23 -10.40 7.53
C LEU A 169 -16.42 -9.93 6.08
N GLU A 170 -15.36 -10.00 5.28
CA GLU A 170 -15.43 -9.72 3.84
C GLU A 170 -16.51 -10.60 3.20
N LYS A 171 -16.53 -11.87 3.60
CA LYS A 171 -17.52 -12.85 3.15
C LYS A 171 -18.94 -12.38 3.50
N GLN A 172 -19.10 -11.91 4.73
CA GLN A 172 -20.36 -11.33 5.18
C GLN A 172 -20.76 -10.10 4.37
N HIS A 173 -19.80 -9.22 4.09
CA HIS A 173 -20.07 -8.03 3.25
C HIS A 173 -20.49 -8.38 1.81
N GLU A 174 -19.83 -9.38 1.22
CA GLU A 174 -20.19 -9.87 -0.12
C GLU A 174 -21.66 -10.29 -0.19
N LYS A 175 -22.10 -11.02 0.83
CA LYS A 175 -23.49 -11.44 0.98
C LYS A 175 -24.45 -10.24 1.03
N GLU A 176 -24.08 -9.22 1.80
CA GLU A 176 -24.88 -8.00 1.96
C GLU A 176 -25.00 -7.18 0.68
N ARG A 177 -23.88 -6.99 -0.02
CA ARG A 177 -23.83 -6.08 -1.17
C ARG A 177 -24.31 -6.72 -2.47
N LYS A 178 -24.49 -8.04 -2.44
CA LYS A 178 -24.97 -8.79 -3.60
C LYS A 178 -26.43 -9.22 -3.45
N GLN A 179 -27.03 -8.94 -2.30
CA GLN A 179 -28.39 -9.38 -2.00
C GLN A 179 -29.43 -8.78 -2.95
#